data_5WTP
#
_entry.id   5WTP
#
_cell.length_a   130.366
_cell.length_b   130.366
_cell.length_c   56.531
_cell.angle_alpha   90.00
_cell.angle_beta   90.00
_cell.angle_gamma   90.00
#
_symmetry.space_group_name_H-M   'P 4 21 2'
#
loop_
_entity.id
_entity.type
_entity.pdbx_description
1 polymer 'OmpA family protein'
2 non-polymer 'SULFATE ION'
3 water water
#
_entity_poly.entity_id   1
_entity_poly.type   'polypeptide(L)'
_entity_poly.pdbx_seq_one_letter_code
;GSEFEPDEKEQKQLNQYAKTILFDTGKATIKFQSAEVLNQIINVLKKYPNSRFRIEGHTDSTGKKAKNMILSQNRADAVK
VYLIQGGIDAGRLESQGFGPEKPIASNKNKKGRELNRRVEINLIK
;
_entity_poly.pdbx_strand_id   A,B,C
#
# COMPACT_ATOMS: atom_id res chain seq x y z
N GLY A 1 -14.42 3.85 -7.19
CA GLY A 1 -15.64 3.91 -7.98
C GLY A 1 -16.16 2.53 -8.31
N SER A 2 -17.05 2.44 -9.32
CA SER A 2 -17.70 1.18 -9.64
C SER A 2 -16.82 0.25 -10.46
N GLU A 3 -15.60 0.70 -10.77
CA GLU A 3 -14.64 -0.12 -11.49
C GLU A 3 -13.51 -0.56 -10.56
N PHE A 4 -13.28 -1.87 -10.50
CA PHE A 4 -12.20 -2.42 -9.69
C PHE A 4 -10.83 -1.91 -10.16
N GLU A 5 -10.67 -1.82 -11.47
CA GLU A 5 -9.42 -1.39 -12.08
C GLU A 5 -9.67 -0.32 -13.15
N PRO A 6 -8.69 0.57 -13.35
CA PRO A 6 -8.82 1.54 -14.43
C PRO A 6 -8.94 0.86 -15.80
N ASP A 7 -9.78 1.38 -16.69
CA ASP A 7 -9.86 0.82 -18.04
C ASP A 7 -8.63 1.23 -18.85
N GLU A 8 -8.57 0.81 -20.11
CA GLU A 8 -7.39 1.07 -20.93
C GLU A 8 -7.11 2.56 -21.11
N LYS A 9 -8.17 3.32 -21.38
CA LYS A 9 -8.06 4.77 -21.51
C LYS A 9 -7.55 5.41 -20.21
N GLU A 10 -8.09 4.98 -19.08
CA GLU A 10 -7.66 5.51 -17.79
C GLU A 10 -6.21 5.14 -17.50
N GLN A 11 -5.83 3.90 -17.84
CA GLN A 11 -4.44 3.47 -17.70
C GLN A 11 -3.49 4.31 -18.54
N LYS A 12 -3.90 4.61 -19.78
CA LYS A 12 -3.12 5.46 -20.66
C LYS A 12 -2.95 6.86 -20.08
N GLN A 13 -4.06 7.43 -19.60
CA GLN A 13 -4.04 8.78 -19.04
C GLN A 13 -3.14 8.83 -17.80
N LEU A 14 -3.13 7.75 -17.04
CA LEU A 14 -2.29 7.64 -15.86
C LEU A 14 -0.80 7.74 -16.23
N ASN A 15 -0.42 7.08 -17.31
CA ASN A 15 0.97 7.10 -17.74
C ASN A 15 1.33 8.40 -18.44
N GLN A 16 0.34 9.05 -19.05
CA GLN A 16 0.52 10.39 -19.57
C GLN A 16 0.86 11.37 -18.44
N TYR A 17 0.20 11.21 -17.29
CA TYR A 17 0.54 12.00 -16.12
C TYR A 17 1.96 11.68 -15.67
N ALA A 18 2.24 10.38 -15.57
CA ALA A 18 3.51 9.90 -15.03
C ALA A 18 4.72 10.32 -15.86
N LYS A 19 4.53 10.51 -17.17
CA LYS A 19 5.66 10.88 -18.01
C LYS A 19 6.04 12.35 -17.82
N THR A 20 5.19 13.11 -17.13
CA THR A 20 5.52 14.49 -16.83
C THR A 20 6.31 14.61 -15.52
N ILE A 21 6.44 13.50 -14.80
CA ILE A 21 7.27 13.48 -13.59
C ILE A 21 8.74 13.58 -13.99
N LEU A 22 9.37 14.69 -13.65
CA LEU A 22 10.72 14.95 -14.12
C LEU A 22 11.73 14.95 -13.00
N PHE A 23 12.94 14.53 -13.32
CA PHE A 23 14.06 14.54 -12.38
C PHE A 23 15.23 15.29 -13.00
N ASP A 24 16.05 15.90 -12.16
CA ASP A 24 17.31 16.48 -12.62
C ASP A 24 18.25 15.35 -13.02
N THR A 25 19.12 15.62 -13.99
CA THR A 25 20.04 14.59 -14.47
C THR A 25 20.88 14.01 -13.34
N GLY A 26 20.90 12.69 -13.24
CA GLY A 26 21.68 12.02 -12.21
C GLY A 26 21.12 12.15 -10.81
N LYS A 27 19.89 12.66 -10.70
CA LYS A 27 19.29 12.86 -9.38
C LYS A 27 17.97 12.09 -9.25
N ALA A 28 17.59 11.77 -8.02
CA ALA A 28 16.38 11.01 -7.77
C ALA A 28 15.44 11.76 -6.81
N THR A 29 15.57 13.07 -6.77
CA THR A 29 14.73 13.89 -5.92
C THR A 29 13.48 14.36 -6.67
N ILE A 30 12.32 14.23 -6.04
CA ILE A 30 11.09 14.76 -6.62
C ILE A 30 11.13 16.28 -6.68
N LYS A 31 11.08 16.84 -7.88
CA LYS A 31 11.05 18.30 -8.05
C LYS A 31 9.66 18.83 -7.72
N PHE A 32 9.56 20.09 -7.31
CA PHE A 32 8.29 20.61 -6.85
C PHE A 32 7.25 20.69 -7.96
N GLN A 33 7.68 20.84 -9.20
CA GLN A 33 6.75 20.91 -10.33
C GLN A 33 6.00 19.60 -10.51
N SER A 34 6.57 18.52 -9.99
CA SER A 34 5.94 17.20 -10.06
C SER A 34 4.86 17.04 -8.99
N ALA A 35 4.82 17.96 -8.03
CA ALA A 35 3.90 17.83 -6.90
C ALA A 35 2.45 17.78 -7.35
N GLU A 36 2.05 18.77 -8.16
CA GLU A 36 0.68 18.84 -8.67
C GLU A 36 0.27 17.58 -9.41
N VAL A 37 1.12 17.10 -10.32
CA VAL A 37 0.75 15.96 -11.13
C VAL A 37 0.72 14.68 -10.28
N LEU A 38 1.58 14.63 -9.26
CA LEU A 38 1.58 13.50 -8.34
C LEU A 38 0.32 13.53 -7.49
N ASN A 39 -0.09 14.72 -7.07
CA ASN A 39 -1.34 14.88 -6.33
C ASN A 39 -2.53 14.43 -7.18
N GLN A 40 -2.47 14.72 -8.47
CA GLN A 40 -3.50 14.28 -9.40
C GLN A 40 -3.49 12.77 -9.58
N ILE A 41 -2.29 12.19 -9.62
CA ILE A 41 -2.16 10.74 -9.73
C ILE A 41 -2.73 10.05 -8.48
N ILE A 42 -2.48 10.65 -7.32
CA ILE A 42 -3.08 10.20 -6.07
C ILE A 42 -4.60 10.17 -6.17
N ASN A 43 -5.16 11.23 -6.77
CA ASN A 43 -6.61 11.32 -6.95
C ASN A 43 -7.13 10.15 -7.78
N VAL A 44 -6.39 9.81 -8.84
CA VAL A 44 -6.80 8.73 -9.73
C VAL A 44 -6.67 7.38 -9.03
N LEU A 45 -5.56 7.17 -8.35
CA LEU A 45 -5.31 5.90 -7.66
C LEU A 45 -6.33 5.65 -6.56
N LYS A 46 -6.79 6.72 -5.92
CA LYS A 46 -7.78 6.63 -4.86
C LYS A 46 -9.17 6.17 -5.34
N LYS A 47 -9.40 6.25 -6.65
CA LYS A 47 -10.67 5.81 -7.23
C LYS A 47 -10.69 4.30 -7.39
N TYR A 48 -9.53 3.68 -7.28
CA TYR A 48 -9.41 2.23 -7.43
C TYR A 48 -8.63 1.64 -6.27
N PRO A 49 -9.21 1.73 -5.05
CA PRO A 49 -8.49 1.43 -3.81
C PRO A 49 -8.01 -0.01 -3.67
N ASN A 50 -8.53 -0.93 -4.49
CA ASN A 50 -8.13 -2.32 -4.37
C ASN A 50 -7.32 -2.83 -5.55
N SER A 51 -6.99 -1.92 -6.46
CA SER A 51 -6.08 -2.27 -7.56
C SER A 51 -4.64 -2.02 -7.12
N ARG A 52 -3.72 -2.78 -7.69
CA ARG A 52 -2.31 -2.64 -7.36
C ARG A 52 -1.55 -2.07 -8.54
N PHE A 53 -0.49 -1.32 -8.26
CA PHE A 53 0.26 -0.67 -9.33
C PHE A 53 1.76 -0.84 -9.16
N ARG A 54 2.44 -1.02 -10.28
CA ARG A 54 3.89 -1.04 -10.29
C ARG A 54 4.43 0.29 -10.80
N ILE A 55 5.12 1.00 -9.93
CA ILE A 55 5.77 2.23 -10.33
C ILE A 55 7.13 1.89 -10.95
N GLU A 56 7.32 2.30 -12.20
CA GLU A 56 8.51 1.91 -12.94
C GLU A 56 9.40 3.10 -13.26
N GLY A 57 10.70 2.95 -13.02
CA GLY A 57 11.67 3.96 -13.42
C GLY A 57 12.46 3.50 -14.63
N HIS A 58 12.47 4.35 -15.67
CA HIS A 58 13.20 4.07 -16.90
C HIS A 58 14.16 5.19 -17.26
N THR A 59 15.34 4.83 -17.74
CA THR A 59 16.30 5.81 -18.20
C THR A 59 16.57 5.64 -19.70
N ASP A 60 17.31 6.57 -20.30
CA ASP A 60 17.85 6.33 -21.63
C ASP A 60 19.13 5.50 -21.46
N SER A 61 19.77 5.12 -22.56
CA SER A 61 20.89 4.19 -22.51
C SER A 61 22.25 4.86 -22.27
N THR A 62 22.27 6.18 -22.18
CA THR A 62 23.52 6.90 -21.92
C THR A 62 24.00 6.64 -20.49
N GLY A 63 25.32 6.65 -20.29
CA GLY A 63 25.89 6.35 -18.99
C GLY A 63 25.96 4.85 -18.71
N LYS A 64 26.59 4.49 -17.60
CA LYS A 64 26.77 3.07 -17.26
C LYS A 64 25.48 2.41 -16.81
N LYS A 65 25.25 1.20 -17.29
CA LYS A 65 23.99 0.50 -17.07
C LYS A 65 23.68 0.32 -15.58
N ALA A 66 24.68 -0.11 -14.81
CA ALA A 66 24.49 -0.35 -13.38
C ALA A 66 24.05 0.93 -12.66
N LYS A 67 24.64 2.06 -13.04
CA LYS A 67 24.25 3.34 -12.45
C LYS A 67 22.82 3.72 -12.85
N ASN A 68 22.48 3.47 -14.11
CA ASN A 68 21.12 3.70 -14.59
C ASN A 68 20.11 2.85 -13.82
N MET A 69 20.48 1.61 -13.51
CA MET A 69 19.60 0.73 -12.74
C MET A 69 19.31 1.32 -11.37
N ILE A 70 20.37 1.69 -10.65
CA ILE A 70 20.24 2.23 -9.30
C ILE A 70 19.42 3.51 -9.29
N LEU A 71 19.76 4.42 -10.20
CA LEU A 71 19.05 5.69 -10.34
C LEU A 71 17.55 5.50 -10.63
N SER A 72 17.23 4.60 -11.56
CA SER A 72 15.84 4.38 -11.96
C SER A 72 15.05 3.75 -10.83
N GLN A 73 15.68 2.83 -10.10
CA GLN A 73 15.07 2.23 -8.93
C GLN A 73 14.77 3.30 -7.86
N ASN A 74 15.73 4.18 -7.63
CA ASN A 74 15.59 5.18 -6.58
C ASN A 74 14.56 6.26 -6.92
N ARG A 75 14.39 6.53 -8.21
CA ARG A 75 13.36 7.46 -8.66
C ARG A 75 11.99 6.84 -8.48
N ALA A 76 11.89 5.55 -8.80
CA ALA A 76 10.63 4.83 -8.61
C ALA A 76 10.26 4.78 -7.13
N ASP A 77 11.25 4.53 -6.27
CA ASP A 77 11.02 4.50 -4.83
C ASP A 77 10.58 5.88 -4.33
N ALA A 78 11.18 6.93 -4.86
CA ALA A 78 10.83 8.29 -4.46
C ALA A 78 9.37 8.58 -4.81
N VAL A 79 8.94 8.13 -5.97
CA VAL A 79 7.55 8.29 -6.39
C VAL A 79 6.61 7.49 -5.48
N LYS A 80 6.98 6.25 -5.17
CA LYS A 80 6.16 5.41 -4.30
C LYS A 80 6.01 6.02 -2.91
N VAL A 81 7.11 6.48 -2.34
CA VAL A 81 7.09 7.08 -1.02
C VAL A 81 6.19 8.32 -1.00
N TYR A 82 6.26 9.12 -2.05
CA TYR A 82 5.41 10.30 -2.17
C TYR A 82 3.93 9.89 -2.15
N LEU A 83 3.60 8.89 -2.96
CA LEU A 83 2.23 8.40 -3.05
C LEU A 83 1.74 7.86 -1.71
N ILE A 84 2.62 7.16 -1.00
CA ILE A 84 2.28 6.62 0.30
C ILE A 84 1.99 7.74 1.30
N GLN A 85 2.85 8.76 1.32
CA GLN A 85 2.66 9.91 2.20
C GLN A 85 1.39 10.68 1.84
N GLY A 86 1.00 10.59 0.57
CA GLY A 86 -0.21 11.25 0.09
C GLY A 86 -1.49 10.47 0.34
N GLY A 87 -1.40 9.35 1.04
CA GLY A 87 -2.59 8.62 1.45
C GLY A 87 -2.84 7.29 0.79
N ILE A 88 -2.03 6.93 -0.21
CA ILE A 88 -2.19 5.64 -0.88
C ILE A 88 -1.69 4.51 0.02
N ASP A 89 -2.47 3.43 0.12
CA ASP A 89 -2.07 2.26 0.90
C ASP A 89 -0.77 1.67 0.37
N ALA A 90 0.21 1.49 1.26
CA ALA A 90 1.53 1.00 0.89
C ALA A 90 1.46 -0.39 0.24
N GLY A 91 0.54 -1.22 0.70
CA GLY A 91 0.40 -2.58 0.20
C GLY A 91 -0.06 -2.66 -1.25
N ARG A 92 -0.54 -1.55 -1.79
CA ARG A 92 -1.03 -1.48 -3.18
C ARG A 92 0.08 -1.25 -4.19
N LEU A 93 1.25 -0.86 -3.72
CA LEU A 93 2.27 -0.32 -4.61
C LEU A 93 3.58 -1.11 -4.62
N GLU A 94 4.13 -1.29 -5.82
CA GLU A 94 5.48 -1.80 -5.99
C GLU A 94 6.27 -0.76 -6.76
N SER A 95 7.57 -0.67 -6.51
CA SER A 95 8.42 0.21 -7.31
C SER A 95 9.64 -0.56 -7.83
N GLN A 96 9.94 -0.36 -9.10
CA GLN A 96 10.97 -1.14 -9.78
C GLN A 96 11.70 -0.31 -10.84
N GLY A 97 13.03 -0.32 -10.79
CA GLY A 97 13.81 0.36 -11.80
C GLY A 97 14.18 -0.59 -12.93
N PHE A 98 14.11 -0.10 -14.17
CA PHE A 98 14.45 -0.94 -15.31
C PHE A 98 15.71 -0.43 -16.02
N GLY A 99 16.25 0.67 -15.55
CA GLY A 99 17.38 1.30 -16.22
C GLY A 99 17.03 1.58 -17.68
N PRO A 100 17.91 1.19 -18.60
CA PRO A 100 17.69 1.38 -20.03
C PRO A 100 17.13 0.14 -20.72
N GLU A 101 16.65 -0.83 -19.95
CA GLU A 101 16.32 -2.15 -20.48
C GLU A 101 15.04 -2.21 -21.30
N LYS A 102 14.14 -1.24 -21.11
CA LYS A 102 12.87 -1.23 -21.81
C LYS A 102 12.64 0.06 -22.60
N PRO A 103 13.38 0.26 -23.70
CA PRO A 103 13.19 1.49 -24.47
C PRO A 103 11.87 1.47 -25.24
N ILE A 104 11.28 2.64 -25.44
CA ILE A 104 10.11 2.73 -26.30
C ILE A 104 10.48 3.45 -27.60
N ALA A 105 11.72 3.96 -27.65
CA ALA A 105 12.23 4.62 -28.84
C ALA A 105 13.74 4.48 -28.92
N SER A 106 14.32 4.98 -30.01
CA SER A 106 15.75 4.91 -30.24
C SER A 106 16.54 5.76 -29.24
N ASN A 107 17.71 5.27 -28.83
CA ASN A 107 18.57 6.04 -27.96
C ASN A 107 19.60 6.85 -28.76
N LYS A 108 19.46 6.84 -30.08
CA LYS A 108 20.47 7.46 -30.94
C LYS A 108 20.22 8.95 -31.19
N ASN A 109 19.11 9.48 -30.67
CA ASN A 109 18.88 10.92 -30.76
C ASN A 109 18.11 11.45 -29.55
N LYS A 110 18.06 12.77 -29.42
CA LYS A 110 17.42 13.42 -28.26
C LYS A 110 15.93 13.10 -28.14
N LYS A 111 15.22 13.13 -29.26
CA LYS A 111 13.78 12.87 -29.26
C LYS A 111 13.44 11.52 -28.67
N GLY A 112 14.18 10.48 -29.08
CA GLY A 112 13.94 9.14 -28.60
C GLY A 112 14.33 8.93 -27.15
N ARG A 113 15.47 9.50 -26.75
CA ARG A 113 15.93 9.36 -25.38
C ARG A 113 14.99 10.07 -24.41
N GLU A 114 14.38 11.16 -24.86
CA GLU A 114 13.39 11.87 -24.05
C GLU A 114 12.17 10.99 -23.80
N LEU A 115 11.79 10.22 -24.82
CA LEU A 115 10.71 9.27 -24.68
C LEU A 115 11.11 8.13 -23.75
N ASN A 116 12.37 7.71 -23.82
CA ASN A 116 12.84 6.61 -22.98
C ASN A 116 12.93 6.98 -21.50
N ARG A 117 13.32 8.22 -21.22
CA ARG A 117 13.33 8.70 -19.85
C ARG A 117 11.90 8.89 -19.37
N ARG A 118 11.45 8.02 -18.48
CA ARG A 118 10.07 8.08 -18.02
C ARG A 118 9.86 7.36 -16.70
N VAL A 119 8.85 7.83 -15.98
CA VAL A 119 8.24 7.05 -14.93
C VAL A 119 6.94 6.46 -15.50
N GLU A 120 6.70 5.19 -15.26
CA GLU A 120 5.41 4.61 -15.59
C GLU A 120 4.73 4.11 -14.32
N ILE A 121 3.42 4.03 -14.35
CA ILE A 121 2.64 3.50 -13.25
C ILE A 121 1.64 2.53 -13.85
N ASN A 122 1.96 1.24 -13.78
CA ASN A 122 1.20 0.23 -14.50
C ASN A 122 0.38 -0.68 -13.61
N LEU A 123 -0.84 -0.94 -14.04
CA LEU A 123 -1.73 -1.86 -13.36
C LEU A 123 -1.09 -3.25 -13.27
N ILE A 124 -1.08 -3.81 -12.07
CA ILE A 124 -0.59 -5.17 -11.85
C ILE A 124 -1.77 -6.12 -11.81
N PHE B 4 39.60 6.01 3.76
CA PHE B 4 38.54 6.98 3.52
C PHE B 4 37.18 6.31 3.46
N GLU B 5 37.13 5.05 3.87
CA GLU B 5 35.87 4.39 4.15
C GLU B 5 35.55 4.61 5.62
N PRO B 6 34.27 4.50 6.00
CA PRO B 6 34.01 4.51 7.45
C PRO B 6 34.69 3.31 8.12
N ASP B 7 35.47 3.57 9.16
CA ASP B 7 36.08 2.46 9.90
C ASP B 7 35.00 1.74 10.70
N GLU B 8 35.41 0.69 11.41
CA GLU B 8 34.47 -0.18 12.12
C GLU B 8 33.62 0.59 13.13
N LYS B 9 34.24 1.50 13.86
CA LYS B 9 33.55 2.23 14.92
C LYS B 9 32.53 3.20 14.33
N GLU B 10 32.86 3.77 13.17
CA GLU B 10 31.96 4.69 12.50
C GLU B 10 30.73 3.94 11.99
N GLN B 11 30.97 2.80 11.35
CA GLN B 11 29.88 1.94 10.88
C GLN B 11 28.99 1.52 12.03
N LYS B 12 29.60 1.28 13.19
CA LYS B 12 28.85 0.95 14.39
C LYS B 12 27.99 2.13 14.83
N GLN B 13 28.58 3.31 14.87
CA GLN B 13 27.88 4.51 15.30
C GLN B 13 26.73 4.82 14.36
N LEU B 14 26.96 4.58 13.08
CA LEU B 14 25.94 4.80 12.05
C LEU B 14 24.68 3.98 12.34
N ASN B 15 24.87 2.77 12.83
CA ASN B 15 23.75 1.88 13.14
C ASN B 15 23.13 2.16 14.50
N GLN B 16 23.91 2.69 15.43
CA GLN B 16 23.35 3.16 16.70
C GLN B 16 22.36 4.30 16.43
N TYR B 17 22.69 5.13 15.44
CA TYR B 17 21.79 6.20 15.00
C TYR B 17 20.56 5.64 14.31
N ALA B 18 20.78 4.75 13.35
CA ALA B 18 19.71 4.23 12.50
C ALA B 18 18.63 3.49 13.28
N LYS B 19 19.00 2.92 14.42
CA LYS B 19 18.05 2.16 15.21
C LYS B 19 17.11 3.08 16.01
N THR B 20 17.46 4.35 16.09
CA THR B 20 16.62 5.32 16.78
C THR B 20 15.61 5.97 15.85
N ILE B 21 15.59 5.54 14.59
CA ILE B 21 14.64 6.08 13.63
C ILE B 21 13.25 5.52 13.94
N LEU B 22 12.27 6.42 14.02
CA LEU B 22 10.93 6.03 14.43
C LEU B 22 9.95 6.04 13.26
N PHE B 23 9.08 5.03 13.25
CA PHE B 23 7.99 4.94 12.30
C PHE B 23 6.66 4.87 13.04
N ASP B 24 5.59 5.29 12.38
CA ASP B 24 4.25 5.05 12.90
C ASP B 24 4.07 3.53 12.92
N THR B 25 3.48 3.02 13.99
CA THR B 25 3.35 1.59 14.18
C THR B 25 2.63 0.93 13.01
N GLY B 26 3.27 -0.08 12.42
CA GLY B 26 2.71 -0.82 11.31
C GLY B 26 2.75 -0.06 9.99
N LYS B 27 3.43 1.08 9.98
CA LYS B 27 3.43 1.94 8.82
C LYS B 27 4.85 2.34 8.40
N ALA B 28 4.99 2.80 7.15
CA ALA B 28 6.30 3.10 6.61
C ALA B 28 6.60 4.59 6.58
N THR B 29 5.70 5.39 7.13
CA THR B 29 5.95 6.83 7.22
C THR B 29 6.78 7.14 8.47
N ILE B 30 7.81 7.94 8.27
CA ILE B 30 8.75 8.32 9.32
C ILE B 30 8.16 9.38 10.24
N LYS B 31 8.26 9.17 11.54
CA LYS B 31 7.81 10.16 12.50
C LYS B 31 8.74 11.37 12.46
N PHE B 32 8.16 12.57 12.51
CA PHE B 32 8.92 13.81 12.36
C PHE B 32 9.92 14.00 13.50
N GLN B 33 9.72 13.27 14.60
CA GLN B 33 10.64 13.30 15.73
C GLN B 33 12.00 12.72 15.38
N SER B 34 12.06 11.96 14.28
CA SER B 34 13.28 11.31 13.85
C SER B 34 14.19 12.23 13.04
N ALA B 35 13.71 13.45 12.77
CA ALA B 35 14.42 14.39 11.91
C ALA B 35 15.83 14.68 12.41
N GLU B 36 15.97 14.87 13.71
CA GLU B 36 17.27 15.14 14.32
C GLU B 36 18.30 14.07 13.98
N VAL B 37 18.01 12.82 14.34
CA VAL B 37 18.99 11.76 14.15
C VAL B 37 19.22 11.52 12.65
N LEU B 38 18.20 11.75 11.83
CA LEU B 38 18.34 11.60 10.40
C LEU B 38 19.29 12.65 9.85
N ASN B 39 19.19 13.87 10.37
CA ASN B 39 20.12 14.93 10.00
C ASN B 39 21.55 14.55 10.36
N GLN B 40 21.71 13.94 11.52
CA GLN B 40 23.01 13.47 11.95
C GLN B 40 23.52 12.39 11.00
N ILE B 41 22.65 11.46 10.62
CA ILE B 41 23.02 10.38 9.71
C ILE B 41 23.48 10.92 8.36
N ILE B 42 22.76 11.90 7.85
CA ILE B 42 23.11 12.55 6.59
C ILE B 42 24.50 13.17 6.66
N ASN B 43 24.78 13.87 7.75
CA ASN B 43 26.09 14.50 7.94
C ASN B 43 27.22 13.49 8.03
N VAL B 44 26.96 12.35 8.68
CA VAL B 44 27.95 11.29 8.76
C VAL B 44 28.20 10.70 7.38
N LEU B 45 27.13 10.51 6.62
CA LEU B 45 27.24 9.92 5.29
C LEU B 45 27.97 10.84 4.32
N LYS B 46 27.86 12.15 4.55
CA LYS B 46 28.52 13.12 3.68
C LYS B 46 30.02 13.15 3.92
N LYS B 47 30.48 12.45 4.96
CA LYS B 47 31.91 12.32 5.23
C LYS B 47 32.56 11.29 4.30
N TYR B 48 31.72 10.54 3.58
CA TYR B 48 32.21 9.46 2.73
C TYR B 48 31.54 9.47 1.36
N PRO B 49 31.85 10.50 0.55
CA PRO B 49 31.18 10.71 -0.74
C PRO B 49 31.41 9.57 -1.73
N ASN B 50 32.42 8.75 -1.50
CA ASN B 50 32.71 7.65 -2.42
C ASN B 50 32.29 6.28 -1.88
N SER B 51 31.61 6.28 -0.74
CA SER B 51 31.15 5.03 -0.14
C SER B 51 29.69 4.76 -0.46
N ARG B 52 29.40 3.51 -0.81
CA ARG B 52 28.03 3.09 -1.11
C ARG B 52 27.43 2.38 0.10
N PHE B 53 26.15 2.62 0.36
CA PHE B 53 25.48 2.05 1.53
C PHE B 53 24.16 1.38 1.18
N ARG B 54 23.78 0.38 1.95
CA ARG B 54 22.45 -0.23 1.84
C ARG B 54 21.65 0.08 3.09
N ILE B 55 20.49 0.68 2.89
CA ILE B 55 19.56 0.91 3.98
C ILE B 55 18.72 -0.35 4.13
N GLU B 56 18.73 -0.94 5.32
CA GLU B 56 18.01 -2.20 5.53
C GLU B 56 16.89 -2.05 6.54
N GLY B 57 15.72 -2.59 6.22
CA GLY B 57 14.62 -2.62 7.16
C GLY B 57 14.49 -3.99 7.79
N HIS B 58 14.24 -4.03 9.10
CA HIS B 58 14.01 -5.28 9.81
C HIS B 58 12.81 -5.20 10.72
N THR B 59 12.09 -6.32 10.85
CA THR B 59 10.96 -6.40 11.76
C THR B 59 11.18 -7.54 12.75
N ASP B 60 10.30 -7.66 13.74
CA ASP B 60 10.26 -8.88 14.55
C ASP B 60 9.45 -9.92 13.79
N SER B 61 9.30 -11.11 14.37
CA SER B 61 8.69 -12.23 13.64
C SER B 61 7.16 -12.26 13.77
N THR B 62 6.61 -11.32 14.53
CA THR B 62 5.17 -11.22 14.74
C THR B 62 4.41 -10.97 13.42
N GLY B 63 3.31 -11.69 13.22
CA GLY B 63 2.44 -11.48 12.08
C GLY B 63 2.88 -12.23 10.83
N LYS B 64 2.15 -12.03 9.74
CA LYS B 64 2.46 -12.67 8.47
C LYS B 64 3.81 -12.20 7.96
N LYS B 65 4.64 -13.15 7.53
CA LYS B 65 5.98 -12.82 7.06
C LYS B 65 5.93 -11.93 5.82
N ALA B 66 5.00 -12.24 4.92
CA ALA B 66 4.85 -11.46 3.69
C ALA B 66 4.61 -9.98 4.02
N LYS B 67 3.76 -9.74 5.01
CA LYS B 67 3.46 -8.39 5.47
C LYS B 67 4.71 -7.70 6.03
N ASN B 68 5.49 -8.44 6.81
CA ASN B 68 6.72 -7.90 7.39
C ASN B 68 7.76 -7.60 6.32
N MET B 69 7.84 -8.45 5.30
CA MET B 69 8.73 -8.19 4.18
C MET B 69 8.38 -6.83 3.56
N ILE B 70 7.09 -6.67 3.23
CA ILE B 70 6.60 -5.46 2.57
C ILE B 70 6.83 -4.24 3.44
N LEU B 71 6.46 -4.34 4.72
CA LEU B 71 6.65 -3.23 5.64
C LEU B 71 8.12 -2.83 5.74
N SER B 72 9.02 -3.81 5.91
CA SER B 72 10.43 -3.51 6.11
C SER B 72 11.07 -2.92 4.86
N GLN B 73 10.60 -3.38 3.70
CA GLN B 73 11.06 -2.84 2.43
C GLN B 73 10.65 -1.39 2.28
N ASN B 74 9.39 -1.10 2.58
CA ASN B 74 8.88 0.26 2.44
C ASN B 74 9.55 1.20 3.44
N ARG B 75 9.90 0.68 4.61
CA ARG B 75 10.59 1.49 5.61
C ARG B 75 12.01 1.84 5.15
N ALA B 76 12.69 0.87 4.54
CA ALA B 76 14.05 1.10 4.05
C ALA B 76 14.02 2.07 2.88
N ASP B 77 13.03 1.92 2.02
CA ASP B 77 12.84 2.83 0.87
C ASP B 77 12.60 4.26 1.35
N ALA B 78 11.80 4.42 2.39
CA ALA B 78 11.45 5.76 2.89
C ALA B 78 12.68 6.45 3.49
N VAL B 79 13.45 5.71 4.28
CA VAL B 79 14.68 6.23 4.86
C VAL B 79 15.69 6.59 3.76
N LYS B 80 15.82 5.71 2.78
CA LYS B 80 16.70 5.99 1.64
C LYS B 80 16.30 7.28 0.92
N VAL B 81 15.02 7.40 0.59
CA VAL B 81 14.51 8.57 -0.11
C VAL B 81 14.76 9.85 0.72
N TYR B 82 14.53 9.74 2.02
CA TYR B 82 14.80 10.83 2.95
C TYR B 82 16.26 11.31 2.86
N LEU B 83 17.18 10.35 2.82
CA LEU B 83 18.62 10.65 2.78
C LEU B 83 19.01 11.30 1.46
N ILE B 84 18.38 10.84 0.38
CA ILE B 84 18.64 11.39 -0.93
C ILE B 84 18.15 12.84 -1.00
N GLN B 85 17.01 13.10 -0.37
CA GLN B 85 16.47 14.46 -0.32
C GLN B 85 17.34 15.37 0.54
N GLY B 86 18.02 14.78 1.52
CA GLY B 86 18.90 15.53 2.40
C GLY B 86 20.28 15.78 1.80
N GLY B 87 20.50 15.35 0.57
CA GLY B 87 21.71 15.70 -0.14
C GLY B 87 22.67 14.56 -0.47
N ILE B 88 22.32 13.33 -0.07
CA ILE B 88 23.18 12.20 -0.40
C ILE B 88 23.02 11.81 -1.87
N ASP B 89 24.14 11.58 -2.55
CA ASP B 89 24.11 11.20 -3.97
C ASP B 89 23.25 9.97 -4.18
N ALA B 90 22.34 10.04 -5.15
CA ALA B 90 21.34 9.01 -5.36
C ALA B 90 21.95 7.68 -5.82
N GLY B 91 23.10 7.74 -6.47
CA GLY B 91 23.77 6.55 -6.95
C GLY B 91 24.49 5.80 -5.84
N ARG B 92 24.57 6.43 -4.67
CA ARG B 92 25.29 5.88 -3.53
C ARG B 92 24.47 4.92 -2.66
N LEU B 93 23.14 4.95 -2.80
CA LEU B 93 22.29 4.25 -1.85
C LEU B 93 21.38 3.21 -2.49
N GLU B 94 21.19 2.11 -1.78
CA GLU B 94 20.21 1.10 -2.14
C GLU B 94 19.41 0.76 -0.89
N SER B 95 18.26 0.12 -1.06
CA SER B 95 17.42 -0.23 0.08
C SER B 95 16.81 -1.62 -0.08
N GLN B 96 16.71 -2.33 1.03
CA GLN B 96 16.23 -3.71 1.04
C GLN B 96 15.52 -4.06 2.35
N GLY B 97 14.35 -4.67 2.23
CA GLY B 97 13.63 -5.16 3.39
C GLY B 97 13.98 -6.61 3.69
N PHE B 98 14.19 -6.93 4.96
CA PHE B 98 14.54 -8.29 5.35
C PHE B 98 13.45 -8.94 6.19
N GLY B 99 12.42 -8.17 6.51
CA GLY B 99 11.41 -8.65 7.43
C GLY B 99 12.08 -9.18 8.69
N PRO B 100 11.71 -10.40 9.11
CA PRO B 100 12.30 -11.00 10.30
C PRO B 100 13.40 -12.01 9.99
N GLU B 101 13.98 -11.95 8.79
CA GLU B 101 14.94 -12.96 8.37
C GLU B 101 16.28 -12.89 9.09
N LYS B 102 16.58 -11.75 9.70
CA LYS B 102 17.88 -11.55 10.35
C LYS B 102 17.71 -11.00 11.77
N PRO B 103 17.26 -11.85 12.70
CA PRO B 103 17.09 -11.39 14.08
C PRO B 103 18.45 -11.16 14.77
N ILE B 104 18.53 -10.14 15.61
CA ILE B 104 19.73 -9.94 16.43
C ILE B 104 19.45 -10.36 17.86
N ALA B 105 18.19 -10.68 18.15
CA ALA B 105 17.79 -11.14 19.46
C ALA B 105 16.58 -12.08 19.34
N SER B 106 16.23 -12.74 20.45
CA SER B 106 15.10 -13.66 20.43
C SER B 106 13.78 -12.94 20.23
N ASN B 107 12.89 -13.52 19.44
CA ASN B 107 11.56 -12.95 19.24
C ASN B 107 10.56 -13.42 20.30
N LYS B 108 11.07 -14.13 21.31
CA LYS B 108 10.20 -14.74 22.31
C LYS B 108 9.75 -13.75 23.38
N ASN B 109 10.48 -12.65 23.54
CA ASN B 109 10.11 -11.65 24.53
C ASN B 109 10.09 -10.23 23.98
N LYS B 110 9.51 -9.31 24.74
CA LYS B 110 9.34 -7.93 24.30
C LYS B 110 10.67 -7.24 23.99
N LYS B 111 11.66 -7.43 24.86
CA LYS B 111 12.96 -6.79 24.69
C LYS B 111 13.62 -7.22 23.38
N GLY B 112 13.58 -8.52 23.12
CA GLY B 112 14.20 -9.07 21.92
C GLY B 112 13.53 -8.60 20.65
N ARG B 113 12.20 -8.56 20.65
CA ARG B 113 11.45 -8.10 19.48
C ARG B 113 11.73 -6.61 19.23
N GLU B 114 11.83 -5.84 20.31
CA GLU B 114 12.19 -4.43 20.24
C GLU B 114 13.55 -4.24 19.57
N LEU B 115 14.49 -5.09 19.92
CA LEU B 115 15.82 -5.04 19.32
C LEU B 115 15.76 -5.44 17.84
N ASN B 116 14.89 -6.38 17.52
CA ASN B 116 14.79 -6.87 16.15
C ASN B 116 14.17 -5.86 15.20
N ARG B 117 13.22 -5.07 15.69
CA ARG B 117 12.59 -4.02 14.88
C ARG B 117 13.57 -2.86 14.73
N ARG B 118 14.14 -2.71 13.54
CA ARG B 118 15.22 -1.76 13.35
C ARG B 118 15.49 -1.41 11.90
N VAL B 119 16.08 -0.24 11.70
CA VAL B 119 16.67 0.12 10.41
C VAL B 119 18.18 0.05 10.53
N GLU B 120 18.85 -0.51 9.54
CA GLU B 120 20.31 -0.47 9.52
C GLU B 120 20.79 0.26 8.27
N ILE B 121 21.99 0.81 8.35
CA ILE B 121 22.61 1.47 7.22
C ILE B 121 24.01 0.90 7.08
N ASN B 122 24.20 0.01 6.11
CA ASN B 122 25.42 -0.76 6.04
C ASN B 122 26.27 -0.44 4.83
N LEU B 123 27.57 -0.31 5.06
CA LEU B 123 28.55 -0.10 4.00
C LEU B 123 28.54 -1.30 3.07
N ILE B 124 28.56 -1.05 1.77
CA ILE B 124 28.64 -2.13 0.81
C ILE B 124 29.75 -1.88 -0.21
N GLU C 3 -11.91 -6.67 26.27
CA GLU C 3 -12.45 -5.68 25.34
C GLU C 3 -13.93 -5.94 25.10
N PHE C 4 -14.61 -4.94 24.55
CA PHE C 4 -16.05 -5.01 24.35
C PHE C 4 -16.39 -4.82 22.88
N GLU C 5 -15.38 -4.97 22.03
CA GLU C 5 -15.57 -5.01 20.60
C GLU C 5 -14.70 -6.11 20.01
N PRO C 6 -15.16 -6.72 18.91
CA PRO C 6 -14.42 -7.83 18.30
C PRO C 6 -13.04 -7.42 17.83
N ASP C 7 -12.07 -8.31 17.98
CA ASP C 7 -10.72 -8.06 17.46
C ASP C 7 -10.68 -8.24 15.96
N GLU C 8 -9.50 -8.07 15.37
CA GLU C 8 -9.36 -8.17 13.92
C GLU C 8 -9.75 -9.57 13.43
N LYS C 9 -9.39 -10.60 14.19
CA LYS C 9 -9.74 -11.96 13.84
C LYS C 9 -11.25 -12.18 13.79
N GLU C 10 -11.94 -11.77 14.85
CA GLU C 10 -13.39 -11.93 14.95
C GLU C 10 -14.13 -11.10 13.90
N GLN C 11 -13.59 -9.93 13.58
CA GLN C 11 -14.19 -9.07 12.56
C GLN C 11 -14.10 -9.71 11.18
N LYS C 12 -12.97 -10.35 10.89
CA LYS C 12 -12.80 -11.03 9.62
C LYS C 12 -13.72 -12.24 9.54
N GLN C 13 -13.83 -12.97 10.65
CA GLN C 13 -14.71 -14.12 10.72
C GLN C 13 -16.15 -13.72 10.50
N LEU C 14 -16.53 -12.58 11.08
CA LEU C 14 -17.87 -12.02 10.91
C LEU C 14 -18.19 -11.81 9.44
N ASN C 15 -17.22 -11.28 8.68
CA ASN C 15 -17.42 -11.03 7.27
C ASN C 15 -17.41 -12.30 6.43
N GLN C 16 -16.69 -13.31 6.90
CA GLN C 16 -16.69 -14.60 6.23
C GLN C 16 -18.07 -15.24 6.36
N TYR C 17 -18.72 -14.99 7.49
CA TYR C 17 -20.11 -15.37 7.65
C TYR C 17 -21.00 -14.59 6.69
N ALA C 18 -20.86 -13.27 6.71
CA ALA C 18 -21.70 -12.37 5.94
C ALA C 18 -21.60 -12.61 4.44
N LYS C 19 -20.43 -13.03 3.99
CA LYS C 19 -20.20 -13.27 2.56
C LYS C 19 -21.02 -14.45 2.06
N THR C 20 -21.52 -15.27 2.98
CA THR C 20 -22.28 -16.45 2.57
C THR C 20 -23.79 -16.21 2.70
N ILE C 21 -24.17 -15.00 3.07
CA ILE C 21 -25.57 -14.60 3.02
C ILE C 21 -26.03 -14.51 1.57
N LEU C 22 -27.01 -15.33 1.22
CA LEU C 22 -27.47 -15.40 -0.17
C LEU C 22 -28.87 -14.84 -0.38
N PHE C 23 -29.04 -14.09 -1.46
CA PHE C 23 -30.35 -13.58 -1.86
C PHE C 23 -30.79 -14.21 -3.16
N ASP C 24 -32.08 -14.14 -3.45
CA ASP C 24 -32.56 -14.51 -4.77
C ASP C 24 -32.12 -13.46 -5.77
N THR C 25 -31.71 -13.90 -6.94
CA THR C 25 -31.18 -12.99 -7.97
C THR C 25 -32.14 -11.84 -8.25
N GLY C 26 -31.63 -10.61 -8.14
CA GLY C 26 -32.43 -9.43 -8.35
C GLY C 26 -33.45 -9.14 -7.26
N LYS C 27 -33.35 -9.84 -6.13
CA LYS C 27 -34.31 -9.67 -5.04
C LYS C 27 -33.62 -9.39 -3.71
N ALA C 28 -34.38 -8.88 -2.74
CA ALA C 28 -33.86 -8.60 -1.40
C ALA C 28 -34.36 -9.64 -0.39
N THR C 29 -34.96 -10.71 -0.87
CA THR C 29 -35.44 -11.75 0.01
C THR C 29 -34.31 -12.71 0.35
N ILE C 30 -34.10 -12.97 1.64
CA ILE C 30 -33.04 -13.86 2.08
C ILE C 30 -33.42 -15.32 1.89
N LYS C 31 -32.52 -16.09 1.28
CA LYS C 31 -32.77 -17.51 1.06
C LYS C 31 -32.70 -18.28 2.37
N PHE C 32 -33.42 -19.39 2.44
CA PHE C 32 -33.47 -20.22 3.63
C PHE C 32 -32.08 -20.70 4.05
N GLN C 33 -31.24 -20.98 3.06
CA GLN C 33 -29.90 -21.51 3.30
C GLN C 33 -29.03 -20.57 4.14
N SER C 34 -29.39 -19.29 4.16
CA SER C 34 -28.63 -18.28 4.90
C SER C 34 -29.02 -18.20 6.37
N ALA C 35 -30.00 -19.00 6.79
CA ALA C 35 -30.52 -18.94 8.14
C ALA C 35 -29.44 -19.23 9.18
N GLU C 36 -28.72 -20.32 8.97
CA GLU C 36 -27.69 -20.75 9.91
C GLU C 36 -26.60 -19.70 10.08
N VAL C 37 -26.15 -19.11 8.97
CA VAL C 37 -25.05 -18.17 9.04
C VAL C 37 -25.50 -16.85 9.66
N LEU C 38 -26.78 -16.53 9.53
CA LEU C 38 -27.32 -15.32 10.15
C LEU C 38 -27.45 -15.47 11.66
N ASN C 39 -27.86 -16.65 12.11
CA ASN C 39 -27.91 -16.93 13.54
C ASN C 39 -26.51 -16.82 14.14
N GLN C 40 -25.53 -17.28 13.37
CA GLN C 40 -24.14 -17.22 13.77
C GLN C 40 -23.69 -15.78 13.91
N ILE C 41 -24.17 -14.92 13.01
CA ILE C 41 -23.86 -13.51 13.06
C ILE C 41 -24.52 -12.82 14.26
N ILE C 42 -25.76 -13.21 14.53
CA ILE C 42 -26.49 -12.68 15.68
C ILE C 42 -25.77 -13.03 16.98
N ASN C 43 -25.27 -14.25 17.07
CA ASN C 43 -24.57 -14.68 18.27
C ASN C 43 -23.30 -13.87 18.49
N VAL C 44 -22.61 -13.55 17.40
CA VAL C 44 -21.42 -12.71 17.48
C VAL C 44 -21.81 -11.32 17.99
N LEU C 45 -22.89 -10.78 17.46
CA LEU C 45 -23.33 -9.44 17.87
C LEU C 45 -23.84 -9.44 19.31
N LYS C 46 -24.33 -10.58 19.78
CA LYS C 46 -24.75 -10.70 21.18
C LYS C 46 -23.54 -10.80 22.10
N LYS C 47 -22.41 -11.24 21.55
CA LYS C 47 -21.19 -11.38 22.36
C LYS C 47 -20.59 -10.01 22.65
N TYR C 48 -20.87 -9.06 21.76
CA TYR C 48 -20.41 -7.69 21.93
C TYR C 48 -21.59 -6.72 21.86
N PRO C 49 -22.43 -6.72 22.91
CA PRO C 49 -23.69 -5.96 22.93
C PRO C 49 -23.51 -4.43 22.83
N ASN C 50 -22.32 -3.94 23.12
CA ASN C 50 -22.05 -2.51 23.11
C ASN C 50 -21.49 -2.02 21.77
N SER C 51 -21.15 -2.96 20.90
CA SER C 51 -20.55 -2.63 19.60
C SER C 51 -21.61 -2.34 18.54
N ARG C 52 -21.33 -1.38 17.67
CA ARG C 52 -22.24 -1.07 16.57
C ARG C 52 -21.64 -1.52 15.23
N PHE C 53 -22.50 -1.86 14.29
CA PHE C 53 -22.07 -2.44 13.03
C PHE C 53 -22.78 -1.83 11.83
N ARG C 54 -22.02 -1.68 10.75
CA ARG C 54 -22.58 -1.23 9.48
C ARG C 54 -22.87 -2.45 8.61
N ILE C 55 -24.12 -2.58 8.20
CA ILE C 55 -24.51 -3.66 7.30
C ILE C 55 -24.49 -3.13 5.87
N GLU C 56 -23.58 -3.67 5.06
CA GLU C 56 -23.35 -3.18 3.71
C GLU C 56 -23.84 -4.14 2.63
N GLY C 57 -24.56 -3.61 1.65
CA GLY C 57 -24.98 -4.39 0.51
C GLY C 57 -24.16 -4.03 -0.73
N HIS C 58 -23.58 -5.05 -1.35
CA HIS C 58 -22.74 -4.87 -2.55
C HIS C 58 -23.20 -5.74 -3.71
N THR C 59 -23.22 -5.17 -4.91
CA THR C 59 -23.48 -5.92 -6.14
C THR C 59 -22.26 -5.92 -7.03
N ASP C 60 -22.31 -6.68 -8.12
CA ASP C 60 -21.32 -6.50 -9.16
C ASP C 60 -21.78 -5.33 -10.03
N SER C 61 -21.01 -5.02 -11.07
CA SER C 61 -21.25 -3.79 -11.80
C SER C 61 -22.13 -4.01 -13.03
N THR C 62 -22.60 -5.23 -13.25
CA THR C 62 -23.52 -5.47 -14.36
C THR C 62 -24.89 -4.89 -14.02
N GLY C 63 -25.65 -4.55 -15.05
CA GLY C 63 -26.97 -3.96 -14.86
C GLY C 63 -26.86 -2.47 -14.61
N LYS C 64 -28.01 -1.80 -14.51
CA LYS C 64 -28.05 -0.36 -14.30
C LYS C 64 -27.58 -0.02 -12.89
N LYS C 65 -26.63 0.90 -12.78
CA LYS C 65 -26.06 1.25 -11.48
C LYS C 65 -27.15 1.74 -10.52
N ALA C 66 -28.06 2.57 -11.03
CA ALA C 66 -29.14 3.12 -10.23
C ALA C 66 -29.98 1.99 -9.62
N LYS C 67 -30.22 0.94 -10.38
CA LYS C 67 -30.99 -0.20 -9.89
C LYS C 67 -30.18 -1.02 -8.89
N ASN C 68 -28.87 -1.10 -9.12
CA ASN C 68 -27.99 -1.79 -8.19
C ASN C 68 -27.93 -1.08 -6.83
N MET C 69 -28.01 0.26 -6.84
CA MET C 69 -27.99 1.00 -5.58
C MET C 69 -29.21 0.64 -4.75
N ILE C 70 -30.36 0.64 -5.41
CA ILE C 70 -31.63 0.37 -4.74
C ILE C 70 -31.69 -1.08 -4.25
N LEU C 71 -31.32 -2.01 -5.13
CA LEU C 71 -31.28 -3.43 -4.77
C LEU C 71 -30.39 -3.68 -3.54
N SER C 72 -29.17 -3.15 -3.59
CA SER C 72 -28.19 -3.34 -2.54
C SER C 72 -28.65 -2.69 -1.23
N GLN C 73 -29.33 -1.57 -1.32
CA GLN C 73 -29.89 -0.93 -0.12
C GLN C 73 -30.97 -1.83 0.49
N ASN C 74 -31.88 -2.33 -0.36
CA ASN C 74 -32.95 -3.20 0.10
C ASN C 74 -32.40 -4.47 0.75
N ARG C 75 -31.27 -4.96 0.25
CA ARG C 75 -30.68 -6.17 0.82
C ARG C 75 -30.03 -5.89 2.17
N ALA C 76 -29.34 -4.77 2.29
CA ALA C 76 -28.78 -4.37 3.59
C ALA C 76 -29.90 -4.14 4.60
N ASP C 77 -30.97 -3.48 4.15
CA ASP C 77 -32.13 -3.23 5.00
C ASP C 77 -32.72 -4.54 5.50
N ALA C 78 -32.82 -5.52 4.61
CA ALA C 78 -33.40 -6.82 4.96
C ALA C 78 -32.56 -7.51 6.02
N VAL C 79 -31.24 -7.41 5.90
CA VAL C 79 -30.36 -8.05 6.87
C VAL C 79 -30.49 -7.38 8.24
N LYS C 80 -30.58 -6.05 8.25
CA LYS C 80 -30.78 -5.32 9.49
C LYS C 80 -32.07 -5.73 10.18
N VAL C 81 -33.15 -5.84 9.40
CA VAL C 81 -34.44 -6.25 9.94
C VAL C 81 -34.36 -7.65 10.55
N TYR C 82 -33.69 -8.54 9.85
CA TYR C 82 -33.49 -9.92 10.32
C TYR C 82 -32.77 -9.95 11.66
N LEU C 83 -31.70 -9.17 11.78
CA LEU C 83 -30.94 -9.13 13.02
C LEU C 83 -31.78 -8.52 14.14
N ILE C 84 -32.52 -7.46 13.81
CA ILE C 84 -33.45 -6.83 14.77
C ILE C 84 -34.46 -7.84 15.29
N GLN C 85 -35.06 -8.60 14.38
CA GLN C 85 -35.99 -9.66 14.74
C GLN C 85 -35.28 -10.74 15.56
N GLY C 86 -33.96 -10.84 15.39
CA GLY C 86 -33.17 -11.80 16.13
C GLY C 86 -32.72 -11.30 17.50
N GLY C 87 -33.14 -10.10 17.87
CA GLY C 87 -32.87 -9.57 19.21
C GLY C 87 -31.85 -8.46 19.29
N ILE C 88 -31.23 -8.12 18.17
CA ILE C 88 -30.24 -7.04 18.13
C ILE C 88 -30.92 -5.68 18.14
N ASP C 89 -30.55 -4.83 19.09
CA ASP C 89 -31.09 -3.46 19.16
C ASP C 89 -30.87 -2.74 17.83
N ALA C 90 -31.94 -2.14 17.31
CA ALA C 90 -31.92 -1.50 16.00
C ALA C 90 -30.89 -0.37 15.91
N GLY C 91 -30.81 0.43 16.98
CA GLY C 91 -29.89 1.56 17.03
C GLY C 91 -28.43 1.16 16.89
N ARG C 92 -28.12 -0.11 17.13
CA ARG C 92 -26.77 -0.62 16.98
C ARG C 92 -26.38 -0.81 15.51
N LEU C 93 -27.36 -0.69 14.61
CA LEU C 93 -27.13 -1.07 13.21
C LEU C 93 -27.38 0.06 12.21
N GLU C 94 -26.52 0.15 11.19
CA GLU C 94 -26.76 1.00 10.02
C GLU C 94 -26.79 0.12 8.78
N SER C 95 -27.79 0.31 7.92
CA SER C 95 -27.84 -0.42 6.67
C SER C 95 -27.52 0.50 5.50
N GLN C 96 -26.54 0.10 4.69
CA GLN C 96 -26.13 0.90 3.54
C GLN C 96 -25.92 0.07 2.27
N GLY C 97 -26.60 0.47 1.21
CA GLY C 97 -26.37 -0.14 -0.09
C GLY C 97 -25.28 0.61 -0.83
N PHE C 98 -24.27 -0.11 -1.31
CA PHE C 98 -23.18 0.51 -2.05
C PHE C 98 -23.30 0.29 -3.55
N GLY C 99 -24.21 -0.58 -3.95
CA GLY C 99 -24.29 -1.01 -5.33
C GLY C 99 -22.95 -1.58 -5.76
N PRO C 100 -22.46 -1.16 -6.93
CA PRO C 100 -21.18 -1.63 -7.47
C PRO C 100 -19.98 -0.78 -7.03
N GLU C 101 -20.19 0.17 -6.13
CA GLU C 101 -19.19 1.20 -5.87
C GLU C 101 -17.95 0.74 -5.11
N LYS C 102 -18.03 -0.40 -4.43
CA LYS C 102 -16.88 -0.89 -3.67
C LYS C 102 -16.50 -2.32 -4.05
N PRO C 103 -15.98 -2.52 -5.26
CA PRO C 103 -15.57 -3.87 -5.66
C PRO C 103 -14.30 -4.32 -4.93
N ILE C 104 -14.20 -5.61 -4.65
CA ILE C 104 -12.98 -6.18 -4.09
C ILE C 104 -12.32 -7.09 -5.12
N ALA C 105 -12.98 -7.26 -6.27
CA ALA C 105 -12.43 -8.03 -7.37
C ALA C 105 -12.94 -7.51 -8.72
N SER C 106 -12.38 -8.05 -9.81
CA SER C 106 -12.71 -7.59 -11.15
C SER C 106 -14.13 -7.96 -11.57
N ASN C 107 -14.81 -7.06 -12.25
CA ASN C 107 -16.14 -7.33 -12.78
C ASN C 107 -16.08 -7.94 -14.19
N LYS C 108 -14.87 -8.18 -14.67
CA LYS C 108 -14.68 -8.65 -16.04
C LYS C 108 -14.99 -10.13 -16.22
N ASN C 109 -15.05 -10.87 -15.13
CA ASN C 109 -15.38 -12.29 -15.21
C ASN C 109 -16.27 -12.76 -14.05
N LYS C 110 -16.84 -13.95 -14.20
CA LYS C 110 -17.81 -14.49 -13.25
C LYS C 110 -17.25 -14.66 -11.84
N LYS C 111 -15.98 -15.06 -11.75
CA LYS C 111 -15.34 -15.31 -10.47
C LYS C 111 -15.23 -14.03 -9.64
N GLY C 112 -14.84 -12.94 -10.30
CA GLY C 112 -14.72 -11.66 -9.63
C GLY C 112 -16.07 -11.07 -9.25
N ARG C 113 -17.04 -11.18 -10.15
CA ARG C 113 -18.37 -10.62 -9.90
C ARG C 113 -19.03 -11.33 -8.73
N GLU C 114 -18.80 -12.64 -8.63
CA GLU C 114 -19.34 -13.42 -7.51
C GLU C 114 -18.78 -12.92 -6.19
N LEU C 115 -17.49 -12.56 -6.20
CA LEU C 115 -16.84 -12.02 -5.02
C LEU C 115 -17.41 -10.64 -4.66
N ASN C 116 -17.71 -9.83 -5.67
CA ASN C 116 -18.24 -8.50 -5.44
C ASN C 116 -19.66 -8.53 -4.89
N ARG C 117 -20.44 -9.53 -5.30
CA ARG C 117 -21.79 -9.72 -4.80
C ARG C 117 -21.74 -10.25 -3.38
N ARG C 118 -21.93 -9.36 -2.41
CA ARG C 118 -21.70 -9.74 -1.02
C ARG C 118 -22.45 -8.85 -0.06
N VAL C 119 -22.65 -9.36 1.15
CA VAL C 119 -23.00 -8.54 2.29
C VAL C 119 -21.74 -8.43 3.15
N GLU C 120 -21.48 -7.24 3.68
CA GLU C 120 -20.45 -7.09 4.70
C GLU C 120 -21.09 -6.58 5.97
N ILE C 121 -20.50 -6.95 7.11
CA ILE C 121 -20.93 -6.42 8.39
C ILE C 121 -19.69 -5.94 9.13
N ASN C 122 -19.51 -4.63 9.18
CA ASN C 122 -18.28 -4.03 9.67
C ASN C 122 -18.48 -3.21 10.95
N LEU C 123 -17.53 -3.35 11.85
CA LEU C 123 -17.54 -2.61 13.11
C LEU C 123 -17.41 -1.12 12.85
N ILE C 124 -18.18 -0.32 13.57
CA ILE C 124 -18.10 1.13 13.41
C ILE C 124 -18.04 1.84 14.76
#